data_3PTG
#
_entry.id   3PTG
#
_cell.length_a   59.772
_cell.length_b   80.434
_cell.length_c   83.450
_cell.angle_alpha   90.00
_cell.angle_beta   90.00
_cell.angle_gamma   90.00
#
_symmetry.space_group_name_H-M   'P 21 21 21'
#
loop_
_entity.id
_entity.type
_entity.pdbx_description
1 polymer 'Mitogen-activated protein kinase 10'
2 polymer 'C-Jun-amino-terminal kinase-interacting protein 1'
3 non-polymer N-[4-methyl-3-(1H-1,2,4-triazol-5-yl)thiophen-2-yl]-2-(2-oxo-3,4-dihydroquinolin-1(2H)-yl)acetamide
4 water water
#
loop_
_entity_poly.entity_id
_entity_poly.type
_entity_poly.pdbx_seq_one_letter_code
_entity_poly.pdbx_strand_id
1 'polypeptide(L)'
;ASKSKVDNQFYSVEVGDSTFTVLKRYQNLKPIGSGAQGIVCAAYDAVLDRNVAIKKLSRPFQNQTHAKRAYRELVLMKCV
NHKNIISLLNVFTPQKTLEEFQDVYLVMELMDANLCQVIQMELDHERMSYLLYQMLCGIKHLHSAGIIHRDLKPSNIVVK
SDCTLKILDFGLARTAGTSFMMTPYVVTRYYRAPEVILGMGYKENVDIWSVGCIMGEMVRHKILFPGRDYIDQWNKVIEQ
LGTPCPEFMKKLQPTVRNYVENRPKYAGLTFPKLFPDSLFPADSEHNKLKASQARDLLSKMLVIDPAKRISVDDALQHPY
INVWYDPAEVEAPPPQIYDKQLDEREHTIEEWKELIYKEVMNS
;
A
2 'polypeptide(L)' RPKRPTTLNLF J
#
loop_
_chem_comp.id
_chem_comp.type
_chem_comp.name
_chem_comp.formula
932 non-polymer N-[4-methyl-3-(1H-1,2,4-triazol-5-yl)thiophen-2-yl]-2-(2-oxo-3,4-dihydroquinolin-1(2H)-yl)acetamide 'C18 H17 N5 O2 S'
#
# COMPACT_ATOMS: atom_id res chain seq x y z
N ASN A 8 0.18 28.55 -15.28
CA ASN A 8 0.76 29.91 -15.61
C ASN A 8 1.74 29.94 -16.79
N GLN A 9 2.65 28.98 -16.90
CA GLN A 9 3.39 28.67 -18.15
C GLN A 9 3.98 27.25 -18.11
N PHE A 10 3.88 26.59 -19.26
CA PHE A 10 4.18 25.18 -19.42
C PHE A 10 5.25 24.91 -20.48
N TYR A 11 5.91 23.76 -20.36
CA TYR A 11 6.84 23.28 -21.37
C TYR A 11 6.71 21.77 -21.52
N SER A 12 7.10 21.26 -22.69
CA SER A 12 7.10 19.83 -23.00
C SER A 12 8.44 19.05 -22.85
N VAL A 13 8.30 17.83 -22.33
CA VAL A 13 9.38 16.88 -22.32
C VAL A 13 8.80 15.52 -22.81
N GLU A 14 9.44 14.87 -23.77
CA GLU A 14 8.92 13.60 -24.24
C GLU A 14 8.75 12.46 -23.21
N VAL A 15 9.75 11.82 -22.69
CA VAL A 15 9.36 10.62 -21.85
C VAL A 15 8.73 9.40 -22.60
N GLY A 16 9.52 8.68 -23.39
CA GLY A 16 9.03 7.51 -24.12
C GLY A 16 8.10 7.98 -25.21
N ASP A 17 6.97 7.28 -25.33
CA ASP A 17 5.95 7.57 -26.35
C ASP A 17 4.98 8.60 -25.86
N SER A 18 5.15 8.99 -24.61
CA SER A 18 4.30 9.95 -23.92
C SER A 18 4.90 11.38 -23.95
N THR A 19 4.05 12.41 -23.94
CA THR A 19 4.51 13.78 -23.80
C THR A 19 3.99 14.32 -22.49
N PHE A 20 4.91 14.80 -21.65
CA PHE A 20 4.62 15.44 -20.38
C PHE A 20 4.78 16.94 -20.59
N THR A 21 3.66 17.67 -20.61
CA THR A 21 3.55 19.13 -20.61
C THR A 21 3.23 19.56 -19.16
N VAL A 22 4.19 20.21 -18.51
CA VAL A 22 4.16 20.55 -17.07
C VAL A 22 4.51 22.04 -16.74
N LEU A 23 4.09 22.51 -15.57
CA LEU A 23 4.43 23.84 -15.10
C LEU A 23 5.90 23.88 -15.12
N LYS A 24 6.45 25.04 -15.48
CA LYS A 24 7.89 25.26 -15.63
C LYS A 24 8.78 24.99 -14.42
N ARG A 25 8.22 25.05 -13.21
CA ARG A 25 8.89 24.79 -11.93
C ARG A 25 9.42 23.34 -11.74
N TYR A 26 8.94 22.45 -12.62
CA TYR A 26 9.26 21.03 -12.63
C TYR A 26 10.20 20.76 -13.77
N GLN A 27 11.37 20.23 -13.42
CA GLN A 27 12.51 20.23 -14.29
C GLN A 27 13.21 18.91 -14.07
N ASN A 28 14.04 18.50 -15.03
CA ASN A 28 14.74 17.22 -15.00
C ASN A 28 13.87 15.96 -14.84
N LEU A 29 12.76 15.94 -15.56
CA LEU A 29 11.86 14.79 -15.56
C LEU A 29 12.52 13.53 -16.14
N LYS A 30 12.44 12.43 -15.38
CA LYS A 30 12.83 11.12 -15.90
C LYS A 30 11.92 10.06 -15.31
N PRO A 31 11.59 9.02 -16.12
CA PRO A 31 10.58 8.01 -15.79
C PRO A 31 10.98 7.12 -14.63
N ILE A 32 10.16 6.99 -13.60
CA ILE A 32 10.50 6.09 -12.51
C ILE A 32 9.57 4.88 -12.41
N GLY A 33 8.47 4.92 -13.14
CA GLY A 33 7.55 3.83 -13.16
C GLY A 33 6.40 4.10 -14.08
N SER A 34 5.79 3.03 -14.56
CA SER A 34 4.55 3.13 -15.34
C SER A 34 3.64 1.93 -15.10
N GLY A 35 2.45 2.05 -15.68
CA GLY A 35 1.44 1.01 -15.67
C GLY A 35 0.10 1.59 -16.11
N ALA A 36 -0.96 1.13 -15.44
CA ALA A 36 -2.33 1.31 -15.91
C ALA A 36 -2.93 2.56 -15.32
N GLN A 37 -2.52 2.87 -14.09
CA GLN A 37 -2.85 4.13 -13.44
C GLN A 37 -2.35 5.34 -14.27
N GLY A 38 -1.15 5.22 -14.84
CA GLY A 38 -0.53 6.33 -15.58
C GLY A 38 0.99 6.33 -15.45
N ILE A 39 1.66 7.17 -16.23
CA ILE A 39 3.11 7.25 -16.14
C ILE A 39 3.66 8.33 -15.14
N VAL A 40 4.72 7.95 -14.46
CA VAL A 40 5.24 8.68 -13.32
C VAL A 40 6.72 8.98 -13.57
N CYS A 41 7.07 10.25 -13.36
CA CYS A 41 8.45 10.73 -13.45
C CYS A 41 8.84 11.28 -12.12
N ALA A 42 10.10 11.11 -11.72
CA ALA A 42 10.71 12.00 -10.70
C ALA A 42 11.05 13.39 -11.32
N ALA A 43 11.03 14.44 -10.52
CA ALA A 43 11.27 15.77 -11.03
C ALA A 43 11.74 16.63 -9.90
N TYR A 44 12.58 17.59 -10.25
CA TYR A 44 12.91 18.66 -9.34
C TYR A 44 11.81 19.78 -9.31
N ASP A 45 11.27 20.09 -8.14
CA ASP A 45 10.39 21.29 -7.99
C ASP A 45 11.16 22.58 -7.58
N ALA A 46 11.40 23.46 -8.57
CA ALA A 46 12.16 24.72 -8.41
C ALA A 46 11.63 25.62 -7.31
N VAL A 47 10.30 25.66 -7.18
CA VAL A 47 9.57 26.43 -6.16
C VAL A 47 9.59 25.86 -4.73
N LEU A 48 9.91 24.58 -4.54
CA LEU A 48 10.11 24.04 -3.16
C LEU A 48 11.58 23.69 -2.92
N ASP A 49 12.35 23.68 -4.00
CA ASP A 49 13.68 23.12 -3.97
C ASP A 49 13.64 21.72 -3.31
N ARG A 50 12.89 20.84 -3.94
CA ARG A 50 12.69 19.48 -3.44
C ARG A 50 12.30 18.66 -4.65
N ASN A 51 12.57 17.37 -4.57
CA ASN A 51 12.23 16.43 -5.59
C ASN A 51 10.85 15.91 -5.27
N VAL A 52 10.04 15.75 -6.33
CA VAL A 52 8.62 15.33 -6.27
C VAL A 52 8.39 14.27 -7.36
N ALA A 53 7.21 13.63 -7.37
CA ALA A 53 6.84 12.67 -8.42
C ALA A 53 5.63 13.21 -9.19
N ILE A 54 5.74 13.32 -10.50
CA ILE A 54 4.62 13.71 -11.38
C ILE A 54 4.00 12.50 -12.08
N LYS A 55 2.71 12.31 -11.89
CA LYS A 55 1.96 11.22 -12.49
C LYS A 55 0.99 11.80 -13.50
N LYS A 56 1.05 11.32 -14.72
CA LYS A 56 0.12 11.76 -15.71
C LYS A 56 -0.86 10.62 -15.80
N LEU A 57 -2.12 10.93 -15.53
CA LEU A 57 -3.20 9.97 -15.56
C LEU A 57 -3.41 9.41 -16.96
N SER A 58 -3.62 8.11 -17.02
CA SER A 58 -3.72 7.38 -18.28
C SER A 58 -5.17 7.52 -18.74
N ARG A 59 -5.35 8.26 -19.83
CA ARG A 59 -6.64 8.50 -20.47
C ARG A 59 -7.77 8.75 -19.43
N PRO A 60 -7.69 9.86 -18.68
CA PRO A 60 -8.66 10.03 -17.59
C PRO A 60 -10.17 10.01 -17.95
N PHE A 61 -10.47 10.27 -19.23
CA PHE A 61 -11.83 10.47 -19.78
C PHE A 61 -12.06 9.57 -20.99
N GLN A 62 -11.44 8.41 -21.03
CA GLN A 62 -11.61 7.48 -22.14
C GLN A 62 -13.04 6.97 -22.12
N ASN A 63 -13.56 6.81 -20.90
CA ASN A 63 -14.84 6.19 -20.61
C ASN A 63 -15.16 6.52 -19.15
N GLN A 64 -16.33 6.09 -18.69
CA GLN A 64 -16.84 6.38 -17.32
C GLN A 64 -16.12 5.76 -16.14
N THR A 65 -15.48 4.61 -16.31
CA THR A 65 -14.72 4.01 -15.21
C THR A 65 -13.36 4.70 -15.07
N HIS A 66 -12.73 5.08 -16.18
CA HIS A 66 -11.50 5.86 -16.19
C HIS A 66 -11.73 7.17 -15.46
N ALA A 67 -12.86 7.83 -15.74
CA ALA A 67 -13.17 9.11 -15.16
C ALA A 67 -13.51 9.02 -13.66
N LYS A 68 -14.34 8.04 -13.28
CA LYS A 68 -14.67 7.78 -11.86
C LYS A 68 -13.42 7.47 -11.02
N ARG A 69 -12.49 6.73 -11.62
CA ARG A 69 -11.21 6.38 -11.00
C ARG A 69 -10.28 7.57 -10.77
N ALA A 70 -10.39 8.60 -11.60
CA ALA A 70 -9.52 9.76 -11.47
C ALA A 70 -10.05 10.73 -10.39
N TYR A 71 -11.36 10.82 -10.29
CA TYR A 71 -11.97 11.67 -9.32
C TYR A 71 -11.86 11.05 -7.93
N ARG A 72 -12.10 9.74 -7.81
CA ARG A 72 -11.76 8.99 -6.59
C ARG A 72 -10.27 9.18 -6.09
N GLU A 73 -9.26 8.96 -6.95
CA GLU A 73 -7.87 9.32 -6.65
C GLU A 73 -7.85 10.61 -5.86
N LEU A 74 -8.52 11.64 -6.41
CA LEU A 74 -8.52 13.01 -5.85
C LEU A 74 -9.35 13.20 -4.58
N VAL A 75 -10.57 12.68 -4.56
CA VAL A 75 -11.37 12.83 -3.34
C VAL A 75 -10.80 11.98 -2.21
N LEU A 76 -10.09 10.89 -2.55
CA LEU A 76 -9.49 10.02 -1.52
C LEU A 76 -8.32 10.69 -0.87
N MET A 77 -7.55 11.40 -1.70
CA MET A 77 -6.33 12.09 -1.32
C MET A 77 -6.60 13.16 -0.30
N LYS A 78 -7.73 13.82 -0.48
CA LYS A 78 -8.11 14.97 0.28
C LYS A 78 -9.09 14.52 1.37
N CYS A 79 -8.98 13.23 1.72
CA CYS A 79 -9.46 12.69 2.99
C CYS A 79 -8.29 12.35 3.94
N VAL A 80 -7.05 12.42 3.45
CA VAL A 80 -5.90 11.94 4.22
C VAL A 80 -4.74 12.95 4.39
N ASN A 81 -4.10 12.91 5.55
CA ASN A 81 -2.99 13.79 5.89
C ASN A 81 -2.13 13.18 7.01
N HIS A 82 -1.08 12.46 6.61
CA HIS A 82 -0.27 11.69 7.53
C HIS A 82 1.13 11.47 7.04
N LYS A 83 2.06 11.48 7.98
CA LYS A 83 3.47 11.31 7.68
C LYS A 83 3.83 9.97 7.07
N ASN A 84 2.94 8.97 7.19
CA ASN A 84 3.22 7.65 6.61
C ASN A 84 2.39 7.33 5.38
N ILE A 85 1.84 8.40 4.77
CA ILE A 85 1.01 8.28 3.57
C ILE A 85 1.58 9.29 2.61
N ILE A 86 1.87 8.88 1.37
CA ILE A 86 2.28 9.83 0.30
C ILE A 86 1.20 10.88 0.02
N SER A 87 1.52 12.18 0.22
CA SER A 87 0.53 13.23 0.01
C SER A 87 0.66 13.88 -1.37
N LEU A 88 -0.49 14.38 -1.86
CA LEU A 88 -0.62 15.07 -3.12
C LEU A 88 -0.12 16.45 -2.81
N LEU A 89 0.79 16.97 -3.64
CA LEU A 89 1.33 18.28 -3.35
C LEU A 89 0.65 19.34 -4.22
N ASN A 90 0.40 18.99 -5.48
CA ASN A 90 -0.14 19.89 -6.47
C ASN A 90 -0.92 19.03 -7.48
N VAL A 91 -1.81 19.63 -8.26
CA VAL A 91 -2.32 18.99 -9.46
C VAL A 91 -2.52 20.12 -10.47
N PHE A 92 -2.26 19.89 -11.74
CA PHE A 92 -2.42 20.94 -12.70
C PHE A 92 -2.87 20.34 -14.03
N THR A 93 -3.19 21.17 -15.03
CA THR A 93 -3.53 20.74 -16.41
C THR A 93 -3.00 21.75 -17.43
N PRO A 94 -2.42 21.30 -18.52
CA PRO A 94 -1.96 22.39 -19.40
C PRO A 94 -3.08 23.11 -20.17
N GLN A 95 -4.30 22.59 -20.12
CA GLN A 95 -5.43 23.11 -20.89
C GLN A 95 -6.12 24.21 -20.10
N LYS A 96 -6.60 25.23 -20.83
CA LYS A 96 -6.97 26.49 -20.19
C LYS A 96 -8.48 26.69 -20.08
N THR A 97 -9.23 25.72 -20.63
CA THR A 97 -10.66 25.79 -20.64
C THR A 97 -11.23 24.40 -20.57
N LEU A 98 -12.42 24.33 -19.99
CA LEU A 98 -13.11 23.07 -19.75
C LEU A 98 -13.20 22.18 -20.99
N GLU A 99 -13.57 22.77 -22.14
CA GLU A 99 -13.82 21.97 -23.37
C GLU A 99 -12.59 21.43 -24.07
N GLU A 100 -11.42 22.02 -23.81
CA GLU A 100 -10.16 21.47 -24.35
C GLU A 100 -9.36 20.65 -23.36
N PHE A 101 -9.81 20.65 -22.11
CA PHE A 101 -9.24 19.87 -21.02
C PHE A 101 -9.26 18.34 -21.29
N GLN A 102 -8.09 17.71 -21.10
CA GLN A 102 -7.89 16.25 -21.24
C GLN A 102 -6.93 15.64 -20.23
N ASP A 103 -5.77 16.28 -20.07
CA ASP A 103 -4.67 15.76 -19.27
C ASP A 103 -4.72 16.24 -17.84
N VAL A 104 -4.38 15.32 -16.94
CA VAL A 104 -4.40 15.56 -15.53
C VAL A 104 -3.05 15.02 -15.00
N TYR A 105 -2.36 15.89 -14.24
CA TYR A 105 -1.08 15.57 -13.61
C TYR A 105 -1.23 15.65 -12.10
N LEU A 106 -0.78 14.63 -11.41
CA LEU A 106 -0.75 14.64 -9.95
C LEU A 106 0.70 14.78 -9.49
N VAL A 107 0.94 15.65 -8.53
CA VAL A 107 2.31 15.85 -8.01
C VAL A 107 2.33 15.41 -6.55
N MET A 108 3.22 14.48 -6.22
CA MET A 108 3.24 13.86 -4.93
C MET A 108 4.64 13.99 -4.33
N GLU A 109 4.76 13.64 -3.06
CA GLU A 109 6.05 13.49 -2.39
C GLU A 109 6.84 12.39 -3.07
N LEU A 110 8.17 12.56 -3.09
CA LEU A 110 9.09 11.57 -3.59
C LEU A 110 9.95 11.03 -2.44
N MET A 111 10.32 9.75 -2.60
CA MET A 111 11.07 8.99 -1.64
C MET A 111 12.21 8.46 -2.44
N ASP A 112 13.07 7.64 -1.80
CA ASP A 112 14.26 7.13 -2.49
C ASP A 112 13.99 5.83 -3.25
N ALA A 113 13.19 4.95 -2.64
CA ALA A 113 13.08 3.56 -3.08
C ALA A 113 11.81 2.88 -2.51
N ASN A 114 11.32 1.83 -3.21
CA ASN A 114 10.30 0.92 -2.61
C ASN A 114 10.93 -0.09 -1.61
N LEU A 115 10.11 -0.92 -0.96
CA LEU A 115 10.65 -1.89 0.01
C LEU A 115 11.32 -3.12 -0.62
N CYS A 116 11.21 -3.29 -1.93
CA CYS A 116 11.93 -4.39 -2.61
C CYS A 116 13.45 -4.44 -2.25
N GLN A 117 14.13 -3.29 -2.20
CA GLN A 117 15.53 -3.18 -1.69
C GLN A 117 15.68 -3.80 -0.32
N VAL A 118 14.84 -3.30 0.59
CA VAL A 118 14.99 -3.42 2.03
C VAL A 118 14.73 -4.83 2.52
N ILE A 119 13.84 -5.55 1.85
CA ILE A 119 13.49 -6.93 2.20
C ILE A 119 14.68 -7.84 2.05
N GLN A 120 15.55 -7.48 1.12
CA GLN A 120 16.69 -8.31 0.75
C GLN A 120 17.89 -8.02 1.65
N MET A 121 17.98 -6.81 2.19
CA MET A 121 19.05 -6.52 3.15
C MET A 121 18.80 -7.30 4.44
N GLU A 122 19.37 -6.85 5.56
CA GLU A 122 19.30 -7.62 6.78
C GLU A 122 19.24 -6.63 7.90
N LEU A 123 18.05 -6.46 8.45
CA LEU A 123 17.82 -5.45 9.45
C LEU A 123 17.87 -5.98 10.87
N ASP A 124 18.43 -5.13 11.74
CA ASP A 124 18.27 -5.22 13.18
C ASP A 124 16.81 -4.92 13.60
N HIS A 125 16.50 -5.18 14.88
CA HIS A 125 15.13 -5.12 15.35
C HIS A 125 14.51 -3.73 15.33
N GLU A 126 15.31 -2.70 15.55
CA GLU A 126 14.73 -1.36 15.66
C GLU A 126 14.30 -0.84 14.31
N ARG A 127 15.07 -1.15 13.26
CA ARG A 127 14.70 -0.75 11.91
C ARG A 127 13.48 -1.53 11.40
N MET A 128 13.52 -2.85 11.50
CA MET A 128 12.40 -3.74 11.20
C MET A 128 11.10 -3.31 11.88
N SER A 129 11.21 -3.28 13.19
CA SER A 129 10.16 -2.90 14.11
C SER A 129 9.70 -1.50 13.82
N TYR A 130 10.63 -0.59 13.45
CA TYR A 130 10.27 0.82 13.21
C TYR A 130 9.59 1.06 11.83
N LEU A 131 10.07 0.42 10.77
CA LEU A 131 9.37 0.34 9.48
C LEU A 131 7.91 -0.21 9.58
N LEU A 132 7.76 -1.37 10.28
CA LEU A 132 6.46 -2.00 10.54
C LEU A 132 5.52 -1.13 11.35
N TYR A 133 6.05 -0.42 12.35
CA TYR A 133 5.31 0.61 13.12
C TYR A 133 4.79 1.75 12.25
N GLN A 134 5.64 2.29 11.35
CA GLN A 134 5.20 3.33 10.41
C GLN A 134 4.19 2.82 9.37
N MET A 135 4.41 1.61 8.83
CA MET A 135 3.40 0.92 7.98
C MET A 135 2.04 0.89 8.69
N LEU A 136 2.02 0.48 9.96
CA LEU A 136 0.78 0.41 10.75
C LEU A 136 0.13 1.75 11.07
N CYS A 137 0.90 2.83 11.25
CA CYS A 137 0.31 4.15 11.51
C CYS A 137 -0.32 4.68 10.28
N GLY A 138 0.35 4.49 9.13
CA GLY A 138 -0.26 4.77 7.81
C GLY A 138 -1.53 3.98 7.50
N ILE A 139 -1.50 2.65 7.70
CA ILE A 139 -2.67 1.79 7.49
C ILE A 139 -3.82 2.21 8.35
N LYS A 140 -3.56 2.48 9.63
CA LYS A 140 -4.62 2.90 10.57
C LYS A 140 -5.27 4.25 10.18
N HIS A 141 -4.50 5.12 9.53
CA HIS A 141 -4.97 6.43 9.17
C HIS A 141 -5.86 6.30 7.93
N LEU A 142 -5.43 5.49 6.98
CA LEU A 142 -6.31 5.04 5.88
C LEU A 142 -7.65 4.48 6.39
N HIS A 143 -7.64 3.53 7.32
CA HIS A 143 -8.86 2.89 7.82
C HIS A 143 -9.85 3.87 8.49
N SER A 144 -9.32 4.76 9.35
CA SER A 144 -10.12 5.85 9.98
C SER A 144 -10.82 6.80 8.98
N ALA A 145 -10.20 6.98 7.82
CA ALA A 145 -10.75 7.77 6.74
C ALA A 145 -11.74 6.97 5.89
N GLY A 146 -12.05 5.75 6.28
CA GLY A 146 -12.90 4.91 5.46
C GLY A 146 -12.19 4.26 4.30
N ILE A 147 -10.85 4.23 4.29
CA ILE A 147 -10.08 3.55 3.17
C ILE A 147 -9.44 2.20 3.57
N ILE A 148 -9.97 1.11 3.01
CA ILE A 148 -9.32 -0.22 3.12
C ILE A 148 -8.60 -0.48 1.81
N HIS A 149 -7.31 -0.76 1.94
CA HIS A 149 -6.36 -0.70 0.84
C HIS A 149 -6.42 -1.96 0.00
N ARG A 150 -6.41 -3.14 0.65
CA ARG A 150 -6.56 -4.41 -0.06
C ARG A 150 -5.42 -4.79 -0.99
N ASP A 151 -4.58 -3.84 -1.35
CA ASP A 151 -3.50 -4.16 -2.32
C ASP A 151 -2.06 -3.82 -1.83
N LEU A 152 -1.85 -3.78 -0.52
CA LEU A 152 -0.49 -3.63 0.01
C LEU A 152 0.53 -4.66 -0.50
N LYS A 153 1.73 -4.16 -0.79
CA LYS A 153 2.92 -4.98 -1.14
C LYS A 153 4.16 -4.06 -1.17
N PRO A 154 5.39 -4.65 -1.25
CA PRO A 154 6.68 -3.94 -1.17
C PRO A 154 6.83 -2.81 -2.17
N SER A 155 6.16 -2.89 -3.32
CA SER A 155 6.38 -1.98 -4.43
C SER A 155 5.64 -0.63 -4.28
N ASN A 156 4.61 -0.61 -3.43
CA ASN A 156 3.82 0.59 -3.16
C ASN A 156 3.99 1.09 -1.72
N ILE A 157 5.08 0.64 -1.09
CA ILE A 157 5.54 1.11 0.19
C ILE A 157 6.94 1.62 -0.08
N VAL A 158 7.13 2.89 0.21
CA VAL A 158 8.34 3.57 -0.24
C VAL A 158 9.05 4.14 0.95
N VAL A 159 10.37 4.29 0.81
CA VAL A 159 11.22 4.55 1.95
C VAL A 159 12.28 5.56 1.61
N LYS A 160 12.82 6.18 2.67
CA LYS A 160 13.93 7.11 2.56
C LYS A 160 15.10 6.62 3.38
N SER A 161 16.30 7.02 2.95
CA SER A 161 17.54 6.64 3.63
C SER A 161 17.64 7.13 5.09
N ASP A 162 16.81 8.10 5.48
CA ASP A 162 16.58 8.44 6.91
C ASP A 162 15.57 7.48 7.65
N CYS A 163 15.20 6.37 7.00
CA CYS A 163 14.37 5.33 7.65
C CYS A 163 12.89 5.69 7.85
N THR A 164 12.44 6.82 7.29
CA THR A 164 11.04 7.14 7.16
C THR A 164 10.40 6.33 6.01
N LEU A 165 9.07 6.24 6.03
CA LEU A 165 8.33 5.36 5.18
C LEU A 165 6.91 5.91 4.96
N LYS A 166 6.46 5.76 3.71
CA LYS A 166 5.14 6.15 3.26
C LYS A 166 4.52 5.04 2.40
N ILE A 167 3.20 4.98 2.44
CA ILE A 167 2.38 4.09 1.65
C ILE A 167 1.83 4.90 0.48
N LEU A 168 1.87 4.33 -0.72
CA LEU A 168 1.66 5.10 -1.93
C LEU A 168 0.16 5.40 -2.13
N ASP A 169 -0.52 4.57 -2.93
CA ASP A 169 -1.91 4.81 -3.27
C ASP A 169 -2.86 4.23 -2.20
N PHE A 170 -4.09 3.86 -2.56
CA PHE A 170 -5.08 3.42 -1.56
C PHE A 170 -6.42 2.90 -2.05
N GLY A 171 -6.49 1.63 -2.42
CA GLY A 171 -5.36 0.73 -2.42
C GLY A 171 -4.39 0.79 -3.58
N LEU A 172 -4.74 0.24 -4.73
CA LEU A 172 -6.11 0.00 -5.19
C LEU A 172 -6.83 1.35 -5.48
N ALA A 173 -6.30 2.22 -6.37
CA ALA A 173 -5.10 2.09 -7.21
C ALA A 173 -5.01 3.35 -8.10
N VAL A 187 1.07 -10.80 -10.83
CA VAL A 187 0.77 -9.36 -10.92
C VAL A 187 0.92 -8.56 -9.60
N THR A 188 0.62 -9.19 -8.45
CA THR A 188 0.39 -8.47 -7.17
C THR A 188 -0.23 -9.42 -6.15
N ARG A 189 -0.45 -10.65 -6.63
CA ARG A 189 -1.20 -11.68 -5.89
C ARG A 189 -0.59 -12.12 -4.55
N TYR A 190 0.73 -12.24 -4.50
CA TYR A 190 1.45 -12.86 -3.37
C TYR A 190 1.09 -12.38 -1.97
N TYR A 191 0.59 -11.14 -1.88
CA TYR A 191 0.40 -10.42 -0.63
C TYR A 191 -1.08 -10.28 -0.34
N ARG A 192 -1.92 -10.84 -1.19
CA ARG A 192 -3.35 -10.67 -1.03
C ARG A 192 -3.93 -11.67 -0.07
N ALA A 193 -4.84 -11.18 0.77
CA ALA A 193 -5.44 -11.92 1.87
C ALA A 193 -6.27 -13.10 1.35
N PRO A 194 -6.39 -14.20 2.17
CA PRO A 194 -7.19 -15.36 1.80
C PRO A 194 -8.67 -15.02 1.56
N GLU A 195 -9.25 -14.18 2.41
CA GLU A 195 -10.63 -13.73 2.18
C GLU A 195 -10.81 -13.09 0.78
N VAL A 196 -9.79 -12.37 0.31
CA VAL A 196 -9.77 -11.78 -1.04
C VAL A 196 -9.66 -12.89 -2.07
N ILE A 197 -8.55 -13.63 -2.03
CA ILE A 197 -8.25 -14.67 -2.98
C ILE A 197 -9.22 -15.87 -2.97
N LEU A 198 -10.17 -15.89 -2.04
CA LEU A 198 -11.28 -16.88 -2.03
C LEU A 198 -12.65 -16.18 -2.11
N GLY A 199 -12.65 -14.91 -2.52
CA GLY A 199 -13.90 -14.15 -2.72
C GLY A 199 -14.90 -14.04 -1.57
N MET A 200 -14.43 -14.21 -0.32
CA MET A 200 -15.25 -13.85 0.83
C MET A 200 -15.30 -12.32 0.83
N GLY A 201 -15.99 -11.74 1.80
CA GLY A 201 -15.84 -10.31 2.00
C GLY A 201 -14.56 -10.07 2.78
N TYR A 202 -14.41 -8.85 3.30
CA TYR A 202 -13.20 -8.42 3.95
C TYR A 202 -13.56 -7.23 4.86
N LYS A 203 -12.76 -6.99 5.89
CA LYS A 203 -12.79 -5.70 6.54
C LYS A 203 -11.41 -5.13 6.74
N GLU A 204 -11.28 -4.31 7.77
CA GLU A 204 -10.04 -3.62 8.08
C GLU A 204 -8.79 -4.55 8.12
N ASN A 205 -8.82 -5.65 8.86
CA ASN A 205 -7.66 -6.54 9.01
C ASN A 205 -7.20 -7.37 7.79
N VAL A 206 -7.86 -7.17 6.65
CA VAL A 206 -7.38 -7.67 5.36
C VAL A 206 -5.99 -7.08 5.06
N ASP A 207 -5.72 -5.84 5.52
CA ASP A 207 -4.39 -5.21 5.32
C ASP A 207 -3.36 -5.80 6.28
N ILE A 208 -3.84 -6.27 7.44
CA ILE A 208 -3.00 -7.03 8.37
C ILE A 208 -2.38 -8.28 7.74
N TRP A 209 -3.11 -9.01 6.90
CA TRP A 209 -2.54 -10.17 6.23
C TRP A 209 -1.29 -9.78 5.47
N SER A 210 -1.40 -8.69 4.73
CA SER A 210 -0.36 -8.21 3.83
C SER A 210 0.88 -7.73 4.54
N VAL A 211 0.71 -7.15 5.73
CA VAL A 211 1.81 -6.68 6.58
C VAL A 211 2.65 -7.90 7.06
N GLY A 212 1.97 -9.03 7.28
CA GLY A 212 2.60 -10.28 7.67
C GLY A 212 3.34 -10.94 6.52
N CYS A 213 2.80 -10.81 5.29
CA CYS A 213 3.50 -11.21 4.08
C CYS A 213 4.80 -10.40 3.86
N ILE A 214 4.71 -9.07 4.04
CA ILE A 214 5.89 -8.20 3.98
C ILE A 214 6.87 -8.51 5.10
N MET A 215 6.42 -8.51 6.35
CA MET A 215 7.25 -8.79 7.50
C MET A 215 7.90 -10.17 7.47
N GLY A 216 7.11 -11.18 7.12
CA GLY A 216 7.64 -12.54 7.05
C GLY A 216 8.72 -12.68 6.01
N GLU A 217 8.50 -12.00 4.88
CA GLU A 217 9.44 -11.94 3.79
C GLU A 217 10.67 -11.09 4.08
N MET A 218 10.52 -10.10 4.98
CA MET A 218 11.62 -9.24 5.43
C MET A 218 12.61 -10.06 6.23
N VAL A 219 12.08 -10.97 7.07
CA VAL A 219 12.85 -11.92 7.90
C VAL A 219 13.47 -13.09 7.09
N ARG A 220 12.74 -13.58 6.07
CA ARG A 220 13.14 -14.78 5.33
C ARG A 220 13.83 -14.53 3.99
N HIS A 221 13.61 -13.32 3.45
CA HIS A 221 14.28 -12.77 2.26
C HIS A 221 13.77 -13.42 1.00
N LYS A 222 12.69 -14.20 1.16
CA LYS A 222 11.86 -14.62 0.01
C LYS A 222 10.36 -14.47 0.26
N ILE A 223 9.65 -14.36 -0.85
CA ILE A 223 8.20 -14.35 -0.95
C ILE A 223 7.61 -15.53 -0.21
N LEU A 224 6.77 -15.27 0.77
CA LEU A 224 6.18 -16.27 1.63
C LEU A 224 5.34 -17.25 0.81
N PHE A 225 4.49 -16.68 -0.07
CA PHE A 225 3.53 -17.40 -0.88
C PHE A 225 3.64 -17.05 -2.38
N PRO A 226 4.62 -17.65 -3.09
CA PRO A 226 4.73 -17.58 -4.57
C PRO A 226 3.56 -18.20 -5.38
N GLY A 227 3.80 -18.52 -6.66
CA GLY A 227 2.71 -18.86 -7.64
C GLY A 227 1.84 -17.64 -7.90
N ARG A 228 1.66 -17.17 -9.14
CA ARG A 228 1.51 -17.90 -10.41
C ARG A 228 0.26 -18.74 -10.30
N ASP A 229 -0.85 -18.08 -10.63
CA ASP A 229 -2.24 -18.50 -10.34
C ASP A 229 -2.57 -18.59 -8.84
N TYR A 230 -3.78 -18.15 -8.48
CA TYR A 230 -4.27 -18.21 -7.12
C TYR A 230 -4.24 -19.65 -6.60
N ILE A 231 -4.57 -20.59 -7.49
CA ILE A 231 -4.53 -22.05 -7.25
C ILE A 231 -3.29 -22.48 -6.47
N ASP A 232 -2.14 -22.02 -6.96
CA ASP A 232 -0.82 -22.38 -6.45
C ASP A 232 -0.48 -21.51 -5.25
N GLN A 233 -1.11 -20.33 -5.19
CA GLN A 233 -0.93 -19.41 -4.08
C GLN A 233 -1.57 -20.00 -2.83
N TRP A 234 -2.81 -20.50 -2.95
CA TRP A 234 -3.45 -21.25 -1.88
C TRP A 234 -2.58 -22.44 -1.41
N ASN A 235 -1.94 -23.15 -2.34
CA ASN A 235 -1.07 -24.28 -1.96
C ASN A 235 -0.01 -23.86 -0.99
N LYS A 236 0.67 -22.75 -1.28
CA LYS A 236 1.79 -22.35 -0.42
C LYS A 236 1.29 -21.84 0.89
N VAL A 237 0.05 -21.35 0.91
CA VAL A 237 -0.55 -20.89 2.16
C VAL A 237 -0.70 -22.11 3.09
N ILE A 238 -1.52 -23.09 2.69
CA ILE A 238 -1.75 -24.34 3.44
C ILE A 238 -0.50 -25.18 3.72
N GLU A 239 0.42 -25.27 2.76
CA GLU A 239 1.71 -25.97 2.96
C GLU A 239 2.45 -25.47 4.16
N GLN A 240 2.29 -24.18 4.47
CA GLN A 240 3.07 -23.51 5.51
C GLN A 240 2.28 -23.24 6.75
N LEU A 241 1.01 -22.86 6.55
CA LEU A 241 0.13 -22.47 7.63
C LEU A 241 -0.84 -23.56 8.06
N GLY A 242 -0.81 -24.70 7.39
CA GLY A 242 -1.78 -25.77 7.60
C GLY A 242 -3.17 -25.49 7.08
N THR A 243 -3.98 -26.53 6.91
CA THR A 243 -5.34 -26.32 6.44
C THR A 243 -6.10 -25.61 7.56
N PRO A 244 -6.90 -24.58 7.21
CA PRO A 244 -7.75 -23.88 8.16
C PRO A 244 -8.75 -24.78 8.92
N CYS A 245 -9.50 -24.20 9.85
CA CYS A 245 -10.50 -24.94 10.58
C CYS A 245 -11.74 -25.17 9.71
N PRO A 246 -12.41 -26.36 9.88
CA PRO A 246 -13.68 -26.72 9.23
C PRO A 246 -14.78 -25.64 9.29
N GLU A 247 -14.92 -24.94 10.40
CA GLU A 247 -15.94 -23.90 10.44
C GLU A 247 -15.64 -22.81 9.40
N PHE A 248 -14.40 -22.30 9.37
CA PHE A 248 -13.96 -21.31 8.38
C PHE A 248 -14.38 -21.67 6.95
N MET A 249 -14.33 -22.99 6.65
CA MET A 249 -14.58 -23.54 5.32
C MET A 249 -16.05 -23.73 4.95
N LYS A 250 -16.93 -23.55 5.94
CA LYS A 250 -18.38 -23.40 5.70
C LYS A 250 -18.74 -22.01 5.17
N LYS A 251 -18.18 -20.97 5.80
CA LYS A 251 -18.34 -19.57 5.35
C LYS A 251 -18.08 -19.35 3.86
N LEU A 252 -17.29 -20.23 3.24
CA LEU A 252 -16.91 -20.13 1.84
C LEU A 252 -18.05 -20.60 0.93
N GLN A 253 -18.27 -19.88 -0.18
CA GLN A 253 -19.29 -20.25 -1.14
C GLN A 253 -19.12 -21.74 -1.45
N PRO A 254 -20.21 -22.52 -1.45
CA PRO A 254 -20.17 -23.82 -2.12
C PRO A 254 -19.74 -23.69 -3.58
N THR A 255 -18.46 -23.97 -3.77
CA THR A 255 -17.70 -23.98 -5.03
C THR A 255 -16.23 -23.74 -4.66
N VAL A 256 -15.95 -22.65 -3.94
CA VAL A 256 -14.62 -22.42 -3.38
C VAL A 256 -14.32 -23.54 -2.36
N ARG A 257 -15.33 -23.88 -1.56
CA ARG A 257 -15.20 -24.85 -0.46
C ARG A 257 -14.85 -26.25 -0.93
N ASN A 258 -15.71 -26.79 -1.79
CA ASN A 258 -15.51 -28.07 -2.49
C ASN A 258 -14.06 -28.25 -2.93
N TYR A 259 -13.54 -27.26 -3.65
CA TYR A 259 -12.09 -27.19 -3.98
C TYR A 259 -11.14 -27.22 -2.78
N VAL A 260 -11.30 -26.25 -1.88
CA VAL A 260 -10.46 -26.05 -0.69
C VAL A 260 -10.51 -27.27 0.26
N GLU A 261 -11.73 -27.75 0.52
CA GLU A 261 -11.96 -28.90 1.40
C GLU A 261 -11.30 -30.20 0.93
N ASN A 262 -11.08 -30.32 -0.37
CA ASN A 262 -10.54 -31.55 -0.98
C ASN A 262 -9.08 -31.48 -1.40
N ARG A 263 -8.36 -30.51 -0.85
CA ARG A 263 -6.92 -30.42 -0.96
C ARG A 263 -6.30 -31.29 0.12
N PRO A 264 -5.01 -31.66 -0.03
CA PRO A 264 -4.28 -32.29 1.11
C PRO A 264 -4.34 -31.51 2.44
N LYS A 265 -4.35 -32.25 3.54
CA LYS A 265 -4.64 -31.73 4.86
C LYS A 265 -3.35 -31.54 5.66
N TYR A 266 -2.84 -30.31 5.69
CA TYR A 266 -1.57 -30.06 6.35
C TYR A 266 -1.81 -29.61 7.78
N ALA A 267 -0.88 -29.95 8.68
CA ALA A 267 -0.95 -29.44 10.06
C ALA A 267 -0.42 -28.02 10.14
N GLY A 268 0.41 -27.65 9.16
CA GLY A 268 1.17 -26.40 9.18
C GLY A 268 2.57 -26.57 9.76
N LEU A 269 3.48 -25.68 9.39
CA LEU A 269 4.88 -25.87 9.77
C LEU A 269 5.19 -25.32 11.15
N THR A 270 4.34 -24.43 11.64
CA THR A 270 4.54 -23.72 12.92
C THR A 270 5.55 -22.58 12.75
N PHE A 271 5.44 -21.60 13.63
CA PHE A 271 6.17 -20.34 13.49
C PHE A 271 7.64 -20.39 13.91
N PRO A 272 7.97 -21.12 14.99
CA PRO A 272 9.39 -21.38 15.24
C PRO A 272 10.13 -22.01 14.06
N LYS A 273 9.49 -22.98 13.39
CA LYS A 273 10.06 -23.67 12.23
C LYS A 273 10.17 -22.74 11.03
N LEU A 274 9.04 -22.06 10.69
CA LEU A 274 8.98 -21.05 9.62
C LEU A 274 9.98 -19.94 9.80
N PHE A 275 10.10 -19.46 11.04
CA PHE A 275 10.95 -18.29 11.38
C PHE A 275 11.79 -18.61 12.62
N PRO A 276 12.89 -19.39 12.48
CA PRO A 276 13.67 -19.77 13.68
C PRO A 276 14.60 -18.65 14.12
N ASP A 277 15.19 -18.79 15.30
CA ASP A 277 16.12 -17.77 15.80
C ASP A 277 17.25 -17.46 14.83
N SER A 278 17.74 -18.49 14.14
CA SER A 278 18.82 -18.40 13.17
C SER A 278 18.64 -17.28 12.16
N LEU A 279 17.40 -16.79 12.04
CA LEU A 279 16.98 -15.83 11.02
C LEU A 279 16.93 -14.39 11.50
N PHE A 280 17.17 -14.20 12.80
CA PHE A 280 17.01 -12.91 13.47
C PHE A 280 18.35 -12.39 14.01
N PRO A 281 18.49 -11.06 14.21
CA PRO A 281 19.58 -10.40 14.94
C PRO A 281 20.17 -11.16 16.16
N ALA A 282 19.38 -12.06 16.74
CA ALA A 282 19.90 -13.22 17.50
C ALA A 282 18.75 -14.18 17.86
N HIS A 286 21.08 -11.50 22.48
CA HIS A 286 19.80 -11.95 23.06
C HIS A 286 18.82 -10.80 23.41
N ASN A 287 18.09 -10.18 22.46
CA ASN A 287 17.79 -10.65 21.08
C ASN A 287 17.13 -12.04 21.07
N LYS A 288 16.65 -12.36 22.26
CA LYS A 288 15.91 -13.55 22.63
C LYS A 288 15.78 -13.44 24.18
N LEU A 289 14.84 -12.62 24.71
CA LEU A 289 13.64 -11.97 24.03
C LEU A 289 13.09 -12.60 22.70
N LYS A 290 12.64 -11.88 21.65
CA LYS A 290 12.89 -10.54 21.11
C LYS A 290 12.50 -10.89 19.68
N ALA A 291 13.22 -11.91 19.16
CA ALA A 291 12.81 -12.72 18.03
C ALA A 291 11.49 -13.45 18.28
N SER A 292 11.23 -13.84 19.52
CA SER A 292 9.96 -14.45 19.88
C SER A 292 8.81 -13.43 19.87
N GLN A 293 9.12 -12.17 20.13
CA GLN A 293 8.16 -11.08 19.93
C GLN A 293 7.75 -10.95 18.46
N ALA A 294 8.74 -10.87 17.55
CA ALA A 294 8.54 -10.86 16.08
C ALA A 294 7.82 -12.09 15.57
N ARG A 295 8.20 -13.25 16.10
CA ARG A 295 7.60 -14.54 15.79
C ARG A 295 6.16 -14.50 16.24
N ASP A 296 5.96 -13.96 17.44
CA ASP A 296 4.61 -13.89 18.00
C ASP A 296 3.66 -13.06 17.14
N LEU A 297 4.06 -11.84 16.78
CA LEU A 297 3.29 -10.96 15.93
C LEU A 297 2.95 -11.61 14.58
N LEU A 298 3.95 -12.19 13.92
CA LEU A 298 3.72 -12.96 12.70
C LEU A 298 2.77 -14.12 12.92
N SER A 299 2.71 -14.70 14.11
CA SER A 299 1.85 -15.86 14.30
C SER A 299 0.40 -15.42 14.35
N LYS A 300 0.22 -14.14 14.73
CA LYS A 300 -1.07 -13.44 14.83
C LYS A 300 -1.50 -12.67 13.57
N MET A 301 -0.53 -12.16 12.81
CA MET A 301 -0.82 -11.49 11.55
C MET A 301 -1.14 -12.47 10.41
N LEU A 302 -0.42 -13.58 10.35
CA LEU A 302 -0.59 -14.57 9.30
C LEU A 302 -1.53 -15.69 9.72
N VAL A 303 -2.79 -15.30 9.84
CA VAL A 303 -3.88 -16.14 10.30
C VAL A 303 -4.95 -16.14 9.22
N ILE A 304 -5.16 -17.32 8.61
CA ILE A 304 -6.01 -17.43 7.43
C ILE A 304 -7.40 -16.82 7.66
N ASP A 305 -7.96 -17.09 8.82
CA ASP A 305 -9.27 -16.59 9.21
C ASP A 305 -9.18 -15.15 9.75
N PRO A 306 -9.85 -14.21 9.05
CA PRO A 306 -9.75 -12.81 9.46
C PRO A 306 -10.30 -12.59 10.86
N ALA A 307 -11.29 -13.38 11.24
CA ALA A 307 -11.87 -13.40 12.62
C ALA A 307 -10.88 -13.96 13.69
N LYS A 308 -9.81 -14.64 13.28
CA LYS A 308 -8.79 -14.96 14.27
C LYS A 308 -7.54 -14.08 14.17
N ARG A 309 -7.50 -13.22 13.16
CA ARG A 309 -6.29 -12.43 12.89
C ARG A 309 -6.19 -11.13 13.76
N ILE A 310 -4.98 -10.72 14.07
CA ILE A 310 -4.77 -9.50 14.85
C ILE A 310 -5.36 -8.29 14.10
N SER A 311 -5.93 -7.34 14.82
CA SER A 311 -6.35 -6.08 14.21
C SER A 311 -5.21 -5.05 14.13
N VAL A 312 -5.49 -3.87 13.56
CA VAL A 312 -4.44 -2.86 13.46
C VAL A 312 -4.08 -2.40 14.84
N ASP A 313 -5.09 -2.17 15.66
CA ASP A 313 -4.89 -1.67 17.01
C ASP A 313 -4.02 -2.57 17.90
N ASP A 314 -4.32 -3.87 17.91
CA ASP A 314 -3.61 -4.82 18.74
C ASP A 314 -2.21 -5.05 18.23
N ALA A 315 -2.04 -5.07 16.91
CA ALA A 315 -0.71 -5.08 16.29
C ALA A 315 0.13 -3.87 16.72
N LEU A 316 -0.51 -2.70 16.87
CA LEU A 316 0.17 -1.49 17.36
C LEU A 316 0.42 -1.47 18.86
N GLN A 317 -0.50 -2.03 19.61
CA GLN A 317 -0.31 -2.29 21.04
C GLN A 317 0.65 -3.45 21.31
N HIS A 318 1.01 -4.25 20.29
CA HIS A 318 1.88 -5.42 20.47
C HIS A 318 3.29 -5.02 20.88
N PRO A 319 3.88 -5.73 21.88
CA PRO A 319 5.23 -5.46 22.42
C PRO A 319 6.36 -5.23 21.41
N TYR A 320 6.36 -5.96 20.31
CA TYR A 320 7.33 -5.73 19.25
C TYR A 320 7.21 -4.36 18.52
N ILE A 321 5.97 -3.86 18.37
CA ILE A 321 5.69 -2.55 17.71
C ILE A 321 5.54 -1.38 18.71
N ASN A 322 4.88 -1.68 19.83
CA ASN A 322 4.47 -0.69 20.83
C ASN A 322 5.61 0.13 21.48
N VAL A 323 6.86 -0.31 21.35
CA VAL A 323 8.04 0.48 21.76
C VAL A 323 8.01 1.90 21.18
N TRP A 324 7.49 2.00 19.96
CA TRP A 324 7.56 3.24 19.18
C TRP A 324 6.40 4.17 19.39
N TYR A 325 5.44 3.75 20.21
CA TYR A 325 4.17 4.45 20.33
C TYR A 325 4.29 5.95 20.61
N ASP A 326 3.64 6.73 19.75
CA ASP A 326 3.47 8.15 19.97
C ASP A 326 1.98 8.44 19.76
N PRO A 327 1.31 9.09 20.72
CA PRO A 327 -0.10 9.46 20.52
C PRO A 327 -0.39 10.26 19.24
N ALA A 328 0.56 11.11 18.82
CA ALA A 328 0.39 12.04 17.67
C ALA A 328 0.29 11.30 16.34
N GLU A 329 1.13 10.28 16.18
CA GLU A 329 1.16 9.45 14.99
C GLU A 329 0.08 8.35 14.92
N VAL A 330 -0.32 7.82 16.08
CA VAL A 330 -1.31 6.73 16.18
C VAL A 330 -2.79 7.20 16.19
N GLU A 331 -3.13 8.13 17.10
CA GLU A 331 -4.51 8.62 17.30
C GLU A 331 -4.98 9.76 16.38
N ALA A 332 -4.06 10.36 15.62
CA ALA A 332 -4.39 11.37 14.58
C ALA A 332 -5.67 11.06 13.77
N PRO A 333 -6.74 11.86 13.94
CA PRO A 333 -7.95 11.66 13.14
C PRO A 333 -7.76 12.26 11.73
N PRO A 334 -8.45 11.69 10.69
CA PRO A 334 -8.27 12.15 9.30
C PRO A 334 -9.04 13.48 9.02
N PRO A 335 -8.60 14.26 8.00
CA PRO A 335 -9.27 15.54 7.71
C PRO A 335 -10.73 15.34 7.35
N GLN A 336 -11.03 14.19 6.73
CA GLN A 336 -12.40 13.75 6.49
C GLN A 336 -12.46 12.22 6.44
N ILE A 337 -13.55 11.66 6.96
CA ILE A 337 -13.87 10.26 6.68
C ILE A 337 -14.53 10.21 5.29
N TYR A 338 -13.96 9.36 4.43
CA TYR A 338 -14.37 9.18 3.04
C TYR A 338 -15.83 8.75 2.90
N ASP A 339 -16.52 9.45 2.01
CA ASP A 339 -17.93 9.28 1.72
C ASP A 339 -18.13 7.82 1.29
N LYS A 340 -18.49 7.01 2.27
CA LYS A 340 -18.89 5.61 2.10
C LYS A 340 -19.47 5.40 0.71
N GLN A 341 -20.35 6.34 0.35
CA GLN A 341 -21.04 6.46 -0.92
C GLN A 341 -21.67 7.88 -0.88
N LEU A 342 -21.63 8.71 -1.93
CA LEU A 342 -21.12 8.51 -3.30
C LEU A 342 -20.02 7.45 -3.53
N ASP A 343 -20.32 6.47 -4.41
CA ASP A 343 -19.43 5.33 -4.75
C ASP A 343 -19.91 4.29 -5.83
N GLU A 344 -21.20 4.16 -6.22
CA GLU A 344 -22.38 5.03 -5.99
C GLU A 344 -22.25 6.40 -6.68
N ARG A 345 -23.25 6.74 -7.51
CA ARG A 345 -23.31 8.05 -8.18
C ARG A 345 -22.57 8.00 -9.52
N GLU A 346 -23.31 8.25 -10.60
CA GLU A 346 -22.74 8.35 -11.93
C GLU A 346 -22.90 9.77 -12.47
N HIS A 347 -22.01 10.17 -13.40
CA HIS A 347 -22.12 11.44 -14.15
C HIS A 347 -21.82 11.19 -15.61
N THR A 348 -22.09 12.17 -16.46
CA THR A 348 -21.68 12.10 -17.84
C THR A 348 -20.17 12.41 -17.93
N ILE A 349 -19.54 12.16 -19.07
CA ILE A 349 -18.13 12.46 -19.21
C ILE A 349 -17.92 13.97 -19.27
N GLU A 350 -18.92 14.72 -19.76
CA GLU A 350 -18.91 16.17 -19.62
C GLU A 350 -18.95 16.57 -18.12
N GLU A 351 -19.74 15.86 -17.32
CA GLU A 351 -19.94 16.18 -15.86
C GLU A 351 -18.79 15.62 -14.96
N TRP A 352 -17.96 14.77 -15.51
CA TRP A 352 -16.86 14.24 -14.75
C TRP A 352 -15.73 15.21 -14.99
N LYS A 353 -15.58 15.63 -16.26
CA LYS A 353 -14.68 16.68 -16.66
C LYS A 353 -14.83 17.87 -15.73
N GLU A 354 -16.08 18.32 -15.53
CA GLU A 354 -16.34 19.54 -14.76
C GLU A 354 -15.84 19.39 -13.32
N LEU A 355 -16.14 18.23 -12.74
CA LEU A 355 -15.75 17.95 -11.36
C LEU A 355 -14.25 17.87 -11.20
N ILE A 356 -13.55 17.27 -12.19
CA ILE A 356 -12.11 17.07 -12.17
C ILE A 356 -11.37 18.39 -12.50
N TYR A 357 -11.79 19.10 -13.54
CA TYR A 357 -11.23 20.42 -13.87
C TYR A 357 -11.28 21.34 -12.66
N LYS A 358 -12.40 21.28 -11.95
CA LYS A 358 -12.62 22.01 -10.70
C LYS A 358 -11.51 21.81 -9.66
N GLU A 359 -11.08 20.55 -9.51
CA GLU A 359 -9.97 20.18 -8.64
C GLU A 359 -8.62 20.57 -9.25
N VAL A 360 -8.53 20.44 -10.57
CA VAL A 360 -7.25 20.48 -11.29
C VAL A 360 -6.85 21.92 -11.65
N MET A 361 -7.15 22.80 -10.69
CA MET A 361 -6.84 24.23 -10.71
C MET A 361 -7.52 24.79 -9.44
N ASN A 362 -7.81 23.90 -8.48
CA ASN A 362 -8.60 24.21 -7.27
C ASN A 362 -7.88 25.16 -6.26
N SER A 363 -7.09 26.09 -6.80
CA SER A 363 -6.06 26.80 -6.05
C SER A 363 -4.97 25.80 -5.61
N PRO B 2 12.76 4.60 23.13
CA PRO B 2 12.07 5.65 22.38
C PRO B 2 12.91 6.45 21.36
N LYS B 3 14.20 6.12 21.19
CA LYS B 3 15.04 6.70 20.12
C LYS B 3 15.06 5.83 18.82
N ARG B 4 14.38 6.34 17.80
CA ARG B 4 14.18 5.67 16.54
C ARG B 4 15.45 5.69 15.71
N PRO B 5 15.58 4.75 14.74
CA PRO B 5 16.66 4.90 13.75
C PRO B 5 16.46 6.16 12.90
N THR B 6 17.59 6.69 12.44
CA THR B 6 17.65 7.90 11.64
C THR B 6 18.25 7.61 10.28
N THR B 7 18.67 6.36 10.06
CA THR B 7 19.35 5.97 8.82
C THR B 7 18.87 4.60 8.33
N LEU B 8 18.88 4.43 7.00
CA LEU B 8 18.43 3.19 6.35
C LEU B 8 19.24 2.97 5.07
N ASN B 9 20.03 1.92 5.06
CA ASN B 9 21.03 1.74 4.03
C ASN B 9 20.43 1.32 2.70
N LEU B 10 20.03 2.31 1.91
CA LEU B 10 19.41 2.07 0.62
C LEU B 10 20.48 1.91 -0.47
N PHE B 11 21.73 1.96 -0.01
CA PHE B 11 22.93 1.95 -0.83
C PHE B 11 23.25 0.52 -1.19
C1 932 C . 11.48 5.67 -6.66
N2 932 C . 10.52 4.93 -5.92
C3 932 C . 9.99 3.80 -6.48
C4 932 C . 10.40 3.38 -7.86
C5 932 C . 11.89 3.57 -8.07
C6 932 C . 12.20 5.01 -7.76
C7 932 C . 11.80 7.00 -6.41
C8 932 C . 12.75 7.67 -7.18
C9 932 C . 13.42 7.06 -8.24
C10 932 C . 13.14 5.74 -8.54
C11 932 C . 10.19 5.43 -4.54
C12 932 C . 9.10 6.47 -4.50
O13 932 C . 8.91 7.23 -3.55
N14 932 C . 8.33 6.53 -5.56
C15 932 C . 7.19 7.27 -5.63
S16 932 C . 6.66 8.53 -4.58
C17 932 C . 5.16 8.93 -5.44
C18 932 C . 5.01 8.06 -6.55
C19 932 C . 6.17 7.11 -6.68
C20 932 C . 6.32 6.05 -7.72
N21 932 C . 5.39 5.69 -8.56
N22 932 C . 5.94 4.64 -9.30
C23 932 C . 7.17 4.43 -8.82
N24 932 C . 7.42 5.31 -7.81
C25 932 C . 3.76 8.23 -7.40
O26 932 C . 9.18 3.06 -5.90
#